data_5H0B
#
_entry.id   5H0B
#
_cell.length_a   43.177
_cell.length_b   85.578
_cell.length_c   130.277
_cell.angle_alpha   90.000
_cell.angle_beta   90.000
_cell.angle_gamma   90.000
#
_symmetry.space_group_name_H-M   'P 21 21 21'
#
loop_
_entity.id
_entity.type
_entity.pdbx_description
1 polymer 'Tyrosine-protein kinase HCK'
2 non-polymer (2~{S})-2-[[4-[4-azanyl-5-(4-phenoxyphenyl)pyrrolo[2,3-d]pyrimidin-7-yl]cyclohexyl]azaniumyl]-4-methyl-pentanoate
3 water water
#
_entity_poly.entity_id   1
_entity_poly.type   'polypeptide(L)'
_entity_poly.pdbx_seq_one_letter_code
;GAMGSGIRIIVVALYDYEAIHHEDLSFQKGDQMVVLEESGEWWKARSLATRKEGYIPSNYVARVDSLETEEWFFKGISRK
DAERQLLAPGNMLGSFMIRDSETTKGSYSLSVRDYDPRQGDTVKHYKIRTLDNGGFYISPRSTFSTLQELVDHYKKGNDG
LCQKLSVPCMSSKPQKPWEKDAWEIPRESLKLEKKLGAGQFGEVWMATYNKHTKVAVKTMKPGSMSVEAFLAEANVMKTL
QHDKLVKLHAVVTKEPIYIITEFMAKGSLLDFLKSDEGSKQPLPKLIDFSAQIAEGMAFIEQRNYIHRDLRAANILVSAS
LVCKIADFGLARVIEDNEYTAREGAKFPIKWTAPEAINFGSFTIKSDVWSFGILLMEIVTYGRIPYPGMSNPEVIRALER
GYRMPRPENCPEELYNIMMRCWKNRPEERPTFEYIQSVLDDFYTATESQ(PTR)EEIP
;
_entity_poly.pdbx_strand_id   A
#
# COMPACT_ATOMS: atom_id res chain seq x y z
N ARG A 8 -16.35 -17.50 -26.90
CA ARG A 8 -15.92 -16.20 -27.40
C ARG A 8 -15.99 -15.13 -26.31
N ILE A 9 -14.82 -14.67 -25.86
CA ILE A 9 -14.71 -13.57 -24.90
C ILE A 9 -13.73 -12.51 -25.41
N ILE A 10 -14.24 -11.33 -25.74
CA ILE A 10 -13.44 -10.28 -26.38
C ILE A 10 -13.04 -9.17 -25.39
N VAL A 11 -11.79 -8.72 -25.50
CA VAL A 11 -11.20 -7.76 -24.58
C VAL A 11 -10.45 -6.66 -25.34
N VAL A 12 -10.53 -5.42 -24.86
CA VAL A 12 -9.81 -4.29 -25.49
C VAL A 12 -8.67 -3.77 -24.60
N ALA A 13 -7.57 -3.40 -25.25
CA ALA A 13 -6.39 -2.88 -24.56
C ALA A 13 -6.62 -1.47 -24.01
N LEU A 14 -5.82 -1.10 -23.00
CA LEU A 14 -5.98 0.18 -22.31
C LEU A 14 -4.75 1.07 -22.38
N TYR A 15 -3.58 0.48 -22.17
CA TYR A 15 -2.35 1.27 -22.09
C TYR A 15 -1.36 0.94 -23.20
N ASP A 16 -0.23 1.64 -23.18
CA ASP A 16 0.85 1.41 -24.14
C ASP A 16 1.86 0.42 -23.56
N TYR A 17 1.84 -0.80 -24.05
CA TYR A 17 2.78 -1.83 -23.62
C TYR A 17 3.36 -2.58 -24.81
N GLU A 18 4.68 -2.76 -24.81
CA GLU A 18 5.33 -3.55 -25.82
C GLU A 18 6.08 -4.71 -25.18
N ALA A 19 6.44 -5.71 -25.98
CA ALA A 19 7.10 -6.91 -25.49
C ALA A 19 8.32 -6.59 -24.65
N ILE A 20 8.47 -7.29 -23.54
CA ILE A 20 9.64 -7.15 -22.69
C ILE A 20 10.28 -8.53 -22.57
N HIS A 21 9.45 -9.56 -22.56
CA HIS A 21 9.93 -10.92 -22.58
C HIS A 21 9.99 -11.40 -24.02
N HIS A 22 10.04 -12.71 -24.21
CA HIS A 22 10.24 -13.29 -25.53
C HIS A 22 8.96 -13.24 -26.38
N GLU A 23 7.97 -14.03 -25.99
CA GLU A 23 6.76 -14.20 -26.78
C GLU A 23 5.61 -13.32 -26.30
N ASP A 24 5.86 -12.01 -26.21
CA ASP A 24 4.81 -11.07 -25.85
C ASP A 24 4.27 -10.37 -27.10
N LEU A 25 3.37 -9.41 -26.90
CA LEU A 25 2.76 -8.67 -27.99
C LEU A 25 3.14 -7.19 -27.92
N SER A 26 2.26 -6.32 -28.39
CA SER A 26 2.48 -4.88 -28.32
C SER A 26 1.15 -4.12 -28.26
N PHE A 27 1.14 -3.01 -27.54
CA PHE A 27 -0.06 -2.20 -27.39
C PHE A 27 0.23 -0.75 -27.77
N GLN A 28 -0.72 -0.14 -28.48
CA GLN A 28 -0.60 1.26 -28.87
C GLN A 28 -1.75 2.08 -28.32
N LYS A 29 -1.98 1.95 -27.01
CA LYS A 29 -3.00 2.71 -26.30
C LYS A 29 -4.42 2.48 -26.84
N GLY A 30 -4.67 1.31 -27.43
CA GLY A 30 -6.00 1.00 -27.92
C GLY A 30 -6.04 -0.03 -29.04
N ASP A 31 -6.25 -1.29 -28.68
CA ASP A 31 -6.38 -2.39 -29.64
C ASP A 31 -7.46 -3.37 -29.19
N GLN A 32 -7.70 -4.42 -29.97
CA GLN A 32 -8.74 -5.39 -29.60
C GLN A 32 -8.18 -6.81 -29.51
N MET A 33 -8.70 -7.59 -28.57
CA MET A 33 -8.21 -8.94 -28.31
C MET A 33 -9.33 -9.92 -27.97
N VAL A 34 -9.08 -11.20 -28.21
CA VAL A 34 -9.94 -12.27 -27.71
C VAL A 34 -9.10 -13.24 -26.89
N VAL A 35 -9.31 -13.24 -25.58
CA VAL A 35 -8.50 -14.04 -24.69
C VAL A 35 -8.81 -15.53 -24.85
N LEU A 36 -7.75 -16.32 -25.03
CA LEU A 36 -7.92 -17.77 -25.08
C LEU A 36 -8.18 -18.28 -23.67
N GLU A 37 -7.14 -18.29 -22.85
CA GLU A 37 -7.26 -18.70 -21.46
C GLU A 37 -6.63 -17.65 -20.55
N GLU A 38 -6.65 -17.93 -19.25
CA GLU A 38 -6.05 -17.03 -18.27
C GLU A 38 -4.94 -17.73 -17.50
N SER A 39 -4.09 -16.95 -16.84
CA SER A 39 -2.98 -17.49 -16.06
C SER A 39 -2.47 -16.46 -15.07
N GLY A 40 -3.30 -16.12 -14.09
CA GLY A 40 -2.93 -15.14 -13.09
C GLY A 40 -2.98 -13.72 -13.62
N GLU A 41 -1.84 -13.04 -13.61
CA GLU A 41 -1.76 -11.67 -14.11
C GLU A 41 -1.47 -11.64 -15.62
N TRP A 42 -1.04 -12.79 -16.17
CA TRP A 42 -0.82 -12.92 -17.60
C TRP A 42 -1.91 -13.76 -18.24
N TRP A 43 -2.38 -13.34 -19.42
CA TRP A 43 -3.46 -14.04 -20.09
C TRP A 43 -3.07 -14.47 -21.51
N LYS A 44 -3.63 -15.59 -21.96
CA LYS A 44 -3.48 -16.01 -23.35
C LYS A 44 -4.55 -15.36 -24.21
N ALA A 45 -4.15 -14.50 -25.13
CA ALA A 45 -5.10 -13.76 -25.94
C ALA A 45 -4.72 -13.75 -27.41
N ARG A 46 -5.73 -13.69 -28.28
CA ARG A 46 -5.52 -13.71 -29.72
C ARG A 46 -5.82 -12.34 -30.33
N SER A 47 -4.90 -11.86 -31.18
CA SER A 47 -5.02 -10.54 -31.79
C SER A 47 -5.75 -10.58 -33.14
N LEU A 48 -6.61 -9.60 -33.35
CA LEU A 48 -7.33 -9.46 -34.61
C LEU A 48 -6.92 -8.18 -35.31
N ALA A 49 -5.97 -7.45 -34.72
CA ALA A 49 -5.52 -6.18 -35.26
C ALA A 49 -4.26 -6.33 -36.10
N THR A 50 -3.18 -6.81 -35.48
CA THR A 50 -1.91 -7.00 -36.18
C THR A 50 -1.70 -8.49 -36.47
N ARG A 51 -2.53 -9.32 -35.84
CA ARG A 51 -2.56 -10.77 -36.03
C ARG A 51 -1.30 -11.48 -35.53
N LYS A 52 -0.59 -10.86 -34.59
CA LYS A 52 0.47 -11.56 -33.85
C LYS A 52 -0.07 -11.95 -32.48
N GLU A 53 0.18 -13.17 -32.06
CA GLU A 53 -0.39 -13.67 -30.81
C GLU A 53 0.67 -14.05 -29.77
N GLY A 54 0.58 -13.43 -28.60
CA GLY A 54 1.46 -13.71 -27.48
C GLY A 54 0.79 -13.34 -26.17
N TYR A 55 1.46 -13.63 -25.05
CA TYR A 55 0.90 -13.32 -23.73
C TYR A 55 0.70 -11.81 -23.52
N ILE A 56 -0.29 -11.45 -22.71
CA ILE A 56 -0.55 -10.05 -22.42
C ILE A 56 -0.75 -9.79 -20.92
N PRO A 57 -0.29 -8.62 -20.44
CA PRO A 57 -0.58 -8.21 -19.07
C PRO A 57 -2.06 -7.92 -18.88
N SER A 58 -2.73 -8.68 -18.02
CA SER A 58 -4.18 -8.58 -17.88
C SER A 58 -4.64 -7.21 -17.37
N ASN A 59 -3.78 -6.53 -16.63
CA ASN A 59 -4.16 -5.23 -16.07
C ASN A 59 -3.96 -4.08 -17.07
N TYR A 60 -3.57 -4.42 -18.28
CA TYR A 60 -3.41 -3.42 -19.34
C TYR A 60 -4.59 -3.45 -20.32
N VAL A 61 -5.56 -4.31 -20.03
CA VAL A 61 -6.70 -4.50 -20.92
C VAL A 61 -8.02 -4.47 -20.15
N ALA A 62 -9.13 -4.29 -20.86
CA ALA A 62 -10.44 -4.19 -20.20
C ALA A 62 -11.55 -4.94 -20.93
N ARG A 63 -12.52 -5.43 -20.17
CA ARG A 63 -13.69 -6.14 -20.69
C ARG A 63 -14.57 -5.25 -21.56
N VAL A 64 -14.87 -5.69 -22.78
CA VAL A 64 -15.32 -4.74 -23.81
C VAL A 64 -16.70 -4.10 -23.59
N ASP A 65 -17.58 -4.75 -22.83
CA ASP A 65 -18.89 -4.16 -22.51
C ASP A 65 -18.84 -3.25 -21.27
N SER A 66 -17.83 -3.46 -20.41
CA SER A 66 -17.83 -2.84 -19.10
C SER A 66 -17.28 -1.41 -19.08
N LEU A 67 -17.36 -0.79 -17.91
CA LEU A 67 -17.01 0.61 -17.71
C LEU A 67 -15.50 0.82 -17.63
N GLU A 68 -14.77 -0.28 -17.54
CA GLU A 68 -13.33 -0.24 -17.31
C GLU A 68 -12.55 0.41 -18.45
N THR A 69 -13.23 0.70 -19.56
CA THR A 69 -12.61 1.44 -20.67
C THR A 69 -12.62 2.94 -20.44
N GLU A 70 -13.55 3.39 -19.61
CA GLU A 70 -13.75 4.81 -19.43
C GLU A 70 -12.64 5.40 -18.60
N GLU A 71 -12.16 6.57 -19.02
CA GLU A 71 -11.07 7.24 -18.36
C GLU A 71 -11.42 7.64 -16.93
N TRP A 72 -12.72 7.82 -16.67
CA TRP A 72 -13.16 8.26 -15.35
C TRP A 72 -13.61 7.11 -14.45
N PHE A 73 -13.51 5.88 -14.93
CA PHE A 73 -13.89 4.77 -14.07
C PHE A 73 -12.65 4.11 -13.46
N PHE A 74 -12.71 3.87 -12.16
CA PHE A 74 -11.60 3.32 -11.40
C PHE A 74 -12.03 2.01 -10.74
N LYS A 75 -11.77 0.90 -11.42
CA LYS A 75 -12.15 -0.39 -10.89
C LYS A 75 -11.21 -0.81 -9.77
N GLY A 76 -11.77 -1.41 -8.73
CA GLY A 76 -10.97 -2.11 -7.73
C GLY A 76 -10.35 -1.23 -6.68
N ILE A 77 -10.80 0.01 -6.57
CA ILE A 77 -10.25 0.87 -5.54
C ILE A 77 -11.27 1.17 -4.45
N SER A 78 -10.76 1.47 -3.25
CA SER A 78 -11.59 1.73 -2.10
C SER A 78 -11.97 3.22 -2.02
N ARG A 79 -12.88 3.55 -1.12
CA ARG A 79 -13.21 4.95 -0.85
C ARG A 79 -11.97 5.72 -0.41
N LYS A 80 -11.20 5.15 0.51
CA LYS A 80 -10.02 5.81 1.02
C LYS A 80 -8.95 5.99 -0.06
N ASP A 81 -8.76 4.96 -0.89
CA ASP A 81 -7.91 5.01 -2.09
C ASP A 81 -8.31 6.19 -2.97
N ALA A 82 -9.62 6.32 -3.15
CA ALA A 82 -10.19 7.31 -4.05
C ALA A 82 -9.86 8.71 -3.58
N GLU A 83 -9.98 8.92 -2.28
CA GLU A 83 -9.66 10.22 -1.70
C GLU A 83 -8.18 10.55 -1.88
N ARG A 84 -7.31 9.58 -1.57
CA ARG A 84 -5.88 9.80 -1.76
C ARG A 84 -5.49 10.12 -3.18
N GLN A 85 -6.07 9.39 -4.12
CA GLN A 85 -5.77 9.58 -5.54
C GLN A 85 -6.21 10.96 -6.01
N LEU A 86 -7.39 11.40 -5.57
CA LEU A 86 -7.92 12.68 -6.04
C LEU A 86 -7.16 13.85 -5.40
N LEU A 87 -6.67 13.66 -4.20
CA LEU A 87 -5.98 14.75 -3.48
C LEU A 87 -4.51 14.84 -3.83
N ALA A 88 -4.02 13.90 -4.63
CA ALA A 88 -2.64 13.92 -5.08
C ALA A 88 -2.40 15.16 -5.94
N PRO A 89 -1.18 15.68 -5.93
CA PRO A 89 -0.86 16.83 -6.78
C PRO A 89 -1.12 16.53 -8.25
N GLY A 90 -1.60 17.52 -9.00
CA GLY A 90 -1.85 17.34 -10.41
C GLY A 90 -3.32 17.32 -10.75
N ASN A 91 -4.15 17.18 -9.71
CA ASN A 91 -5.60 17.19 -9.91
C ASN A 91 -6.15 18.57 -9.61
N MET A 92 -7.35 18.82 -10.09
CA MET A 92 -7.92 20.17 -9.99
C MET A 92 -9.29 20.15 -9.34
N LEU A 93 -9.83 21.33 -9.06
CA LEU A 93 -11.17 21.45 -8.54
C LEU A 93 -12.12 20.75 -9.50
N GLY A 94 -12.98 19.90 -8.95
CA GLY A 94 -13.92 19.16 -9.76
C GLY A 94 -13.38 17.90 -10.38
N SER A 95 -12.09 17.60 -10.20
CA SER A 95 -11.56 16.30 -10.62
C SER A 95 -12.41 15.20 -10.00
N PHE A 96 -12.60 14.11 -10.73
CA PHE A 96 -13.57 13.12 -10.27
C PHE A 96 -13.28 11.70 -10.71
N MET A 97 -13.96 10.77 -10.05
CA MET A 97 -14.01 9.40 -10.52
C MET A 97 -15.33 8.74 -10.17
N ILE A 98 -15.65 7.74 -10.97
CA ILE A 98 -16.72 6.81 -10.64
C ILE A 98 -16.05 5.51 -10.23
N ARG A 99 -16.55 4.91 -9.17
CA ARG A 99 -15.98 3.66 -8.65
C ARG A 99 -17.09 2.72 -8.19
N ASP A 100 -16.78 1.44 -8.05
CA ASP A 100 -17.76 0.51 -7.48
C ASP A 100 -18.04 0.90 -6.04
N SER A 101 -19.31 0.88 -5.66
CA SER A 101 -19.74 1.25 -4.32
C SER A 101 -19.24 0.30 -3.25
N GLU A 102 -18.77 0.84 -2.13
CA GLU A 102 -18.28 0.00 -1.04
C GLU A 102 -19.40 -0.43 -0.09
N THR A 103 -20.48 0.34 -0.04
CA THR A 103 -21.54 0.05 0.92
C THR A 103 -22.85 -0.40 0.27
N THR A 104 -22.85 -0.47 -1.06
CA THR A 104 -24.02 -0.92 -1.81
C THR A 104 -23.57 -1.76 -2.99
N LYS A 105 -23.55 -3.08 -2.82
CA LYS A 105 -23.03 -3.96 -3.85
C LYS A 105 -23.82 -3.82 -5.15
N GLY A 106 -23.10 -3.73 -6.27
CA GLY A 106 -23.72 -3.62 -7.57
C GLY A 106 -23.93 -2.20 -8.07
N SER A 107 -23.89 -1.24 -7.15
CA SER A 107 -24.11 0.16 -7.52
C SER A 107 -22.80 0.95 -7.55
N TYR A 108 -22.89 2.26 -7.76
CA TYR A 108 -21.68 3.05 -7.96
C TYR A 108 -21.59 4.27 -7.05
N SER A 109 -20.40 4.84 -6.96
CA SER A 109 -20.19 6.07 -6.19
C SER A 109 -19.44 7.06 -7.03
N LEU A 110 -19.78 8.33 -6.87
CA LEU A 110 -19.06 9.42 -7.52
C LEU A 110 -18.25 10.17 -6.46
N SER A 111 -16.95 10.33 -6.71
CA SER A 111 -16.06 11.05 -5.80
C SER A 111 -15.55 12.29 -6.52
N VAL A 112 -15.68 13.44 -5.87
CA VAL A 112 -15.36 14.73 -6.49
C VAL A 112 -14.45 15.57 -5.60
N ARG A 113 -13.40 16.12 -6.19
CA ARG A 113 -12.49 17.02 -5.46
C ARG A 113 -13.13 18.39 -5.25
N ASP A 114 -13.19 18.83 -4.00
CA ASP A 114 -13.87 20.05 -3.57
C ASP A 114 -12.87 20.96 -2.87
N TYR A 115 -13.22 22.23 -2.71
CA TYR A 115 -12.40 23.13 -1.91
C TYR A 115 -13.30 24.14 -1.23
N ASP A 116 -13.04 24.42 0.04
CA ASP A 116 -13.63 25.59 0.67
C ASP A 116 -12.61 26.15 1.66
N PRO A 117 -12.70 27.47 1.93
CA PRO A 117 -11.69 28.08 2.81
C PRO A 117 -11.66 27.50 4.22
N ARG A 118 -12.78 27.00 4.74
CA ARG A 118 -12.79 26.43 6.07
C ARG A 118 -12.08 25.08 6.13
N GLN A 119 -12.45 24.19 5.23
CA GLN A 119 -11.98 22.81 5.31
C GLN A 119 -10.83 22.51 4.36
N GLY A 120 -10.53 23.45 3.46
CA GLY A 120 -9.43 23.26 2.54
C GLY A 120 -9.78 22.23 1.47
N ASP A 121 -8.79 21.46 1.04
CA ASP A 121 -8.99 20.42 0.02
C ASP A 121 -9.70 19.21 0.58
N THR A 122 -10.80 18.83 -0.05
CA THR A 122 -11.55 17.68 0.42
C THR A 122 -12.07 16.90 -0.77
N VAL A 123 -12.58 15.71 -0.49
CA VAL A 123 -13.27 14.88 -1.47
C VAL A 123 -14.67 14.59 -0.96
N LYS A 124 -15.67 14.87 -1.80
CA LYS A 124 -17.07 14.59 -1.47
C LYS A 124 -17.53 13.37 -2.25
N HIS A 125 -18.39 12.56 -1.64
CA HIS A 125 -18.84 11.31 -2.27
C HIS A 125 -20.35 11.30 -2.44
N TYR A 126 -20.81 10.82 -3.59
CA TYR A 126 -22.24 10.75 -3.87
C TYR A 126 -22.66 9.34 -4.25
N LYS A 127 -23.82 8.91 -3.76
CA LYS A 127 -24.37 7.63 -4.19
C LYS A 127 -25.03 7.73 -5.56
N ILE A 128 -24.60 6.86 -6.47
CA ILE A 128 -25.29 6.71 -7.74
C ILE A 128 -26.20 5.50 -7.62
N ARG A 129 -27.50 5.74 -7.68
CA ARG A 129 -28.48 4.65 -7.57
C ARG A 129 -28.77 4.07 -8.94
N THR A 130 -29.08 2.78 -8.97
CA THR A 130 -29.46 2.12 -10.21
C THR A 130 -30.97 2.05 -10.28
N LEU A 131 -31.54 2.31 -11.45
CA LEU A 131 -32.97 2.16 -11.65
C LEU A 131 -33.31 0.70 -11.94
N ASP A 132 -34.48 0.26 -11.47
CA ASP A 132 -34.88 -1.14 -11.60
C ASP A 132 -34.92 -1.63 -13.04
N ASN A 133 -35.36 -0.76 -13.95
CA ASN A 133 -35.50 -1.15 -15.34
C ASN A 133 -34.42 -0.54 -16.22
N GLY A 134 -33.29 -0.17 -15.61
CA GLY A 134 -32.15 0.37 -16.34
C GLY A 134 -31.93 1.86 -16.10
N GLY A 135 -30.66 2.28 -16.14
CA GLY A 135 -30.34 3.68 -15.93
C GLY A 135 -29.87 3.97 -14.51
N PHE A 136 -29.55 5.23 -14.26
CA PHE A 136 -28.88 5.68 -13.04
C PHE A 136 -29.36 7.06 -12.59
N TYR A 137 -29.26 7.36 -11.30
CA TYR A 137 -29.44 8.75 -10.85
C TYR A 137 -28.74 9.03 -9.53
N ILE A 138 -28.43 10.30 -9.29
CA ILE A 138 -27.98 10.74 -7.98
C ILE A 138 -29.14 11.44 -7.27
N SER A 139 -29.81 12.34 -7.98
CA SER A 139 -31.04 12.95 -7.51
C SER A 139 -32.19 12.51 -8.42
N PRO A 140 -33.35 12.18 -7.83
CA PRO A 140 -34.50 11.63 -8.59
C PRO A 140 -34.94 12.48 -9.79
N ARG A 141 -34.76 13.79 -9.70
CA ARG A 141 -35.22 14.68 -10.76
C ARG A 141 -34.33 14.61 -12.00
N SER A 142 -33.18 13.95 -11.87
CA SER A 142 -32.21 13.86 -12.96
C SER A 142 -31.71 12.42 -13.17
N THR A 143 -32.37 11.69 -14.08
CA THR A 143 -31.98 10.32 -14.39
C THR A 143 -31.25 10.21 -15.73
N PHE A 144 -30.48 9.14 -15.89
CA PHE A 144 -29.65 8.93 -17.06
C PHE A 144 -29.70 7.50 -17.55
N SER A 145 -29.60 7.29 -18.85
CA SER A 145 -29.58 5.93 -19.40
C SER A 145 -28.25 5.24 -19.15
N THR A 146 -27.17 6.03 -19.09
CA THR A 146 -25.83 5.50 -18.92
C THR A 146 -25.03 6.38 -17.96
N LEU A 147 -23.91 5.85 -17.47
CA LEU A 147 -23.02 6.62 -16.62
C LEU A 147 -22.31 7.71 -17.43
N GLN A 148 -22.07 7.46 -18.71
CA GLN A 148 -21.50 8.49 -19.57
C GLN A 148 -22.41 9.71 -19.64
N GLU A 149 -23.71 9.47 -19.72
CA GLU A 149 -24.68 10.58 -19.76
C GLU A 149 -24.66 11.33 -18.43
N LEU A 150 -24.51 10.59 -17.33
CA LEU A 150 -24.44 11.22 -16.02
C LEU A 150 -23.22 12.14 -15.95
N VAL A 151 -22.07 11.63 -16.37
CA VAL A 151 -20.83 12.42 -16.35
C VAL A 151 -20.96 13.69 -17.21
N ASP A 152 -21.50 13.54 -18.42
CA ASP A 152 -21.65 14.70 -19.31
C ASP A 152 -22.59 15.74 -18.72
N HIS A 153 -23.64 15.29 -18.04
CA HIS A 153 -24.59 16.19 -17.40
C HIS A 153 -23.90 17.03 -16.33
N TYR A 154 -23.12 16.40 -15.47
CA TYR A 154 -22.57 17.14 -14.35
C TYR A 154 -21.28 17.89 -14.74
N LYS A 155 -20.76 17.63 -15.94
CA LYS A 155 -19.67 18.44 -16.49
C LYS A 155 -20.17 19.78 -17.01
N LYS A 156 -21.47 19.87 -17.26
CA LYS A 156 -22.07 21.10 -17.80
C LYS A 156 -22.54 22.05 -16.69
N GLY A 157 -22.70 21.52 -15.47
CA GLY A 157 -23.09 22.34 -14.34
C GLY A 157 -23.25 21.47 -13.12
N ASN A 158 -23.03 22.04 -11.93
CA ASN A 158 -23.00 21.22 -10.73
C ASN A 158 -24.36 20.59 -10.42
N ASP A 159 -25.45 21.29 -10.72
CA ASP A 159 -26.82 20.79 -10.50
C ASP A 159 -26.96 20.13 -9.13
N GLY A 160 -26.49 20.81 -8.09
CA GLY A 160 -26.58 20.29 -6.74
C GLY A 160 -25.31 19.66 -6.19
N LEU A 161 -24.39 19.22 -7.03
CA LEU A 161 -23.12 18.71 -6.53
C LEU A 161 -22.28 19.87 -5.98
N CYS A 162 -21.27 19.54 -5.20
CA CYS A 162 -20.36 20.55 -4.64
C CYS A 162 -19.64 21.35 -5.73
N GLN A 163 -19.32 20.68 -6.84
CA GLN A 163 -18.60 21.30 -7.95
C GLN A 163 -19.10 20.75 -9.29
N LYS A 164 -19.00 21.55 -10.33
CA LYS A 164 -19.14 21.04 -11.68
C LYS A 164 -17.98 20.08 -11.92
N LEU A 165 -18.24 18.94 -12.56
CA LEU A 165 -17.16 17.99 -12.86
C LEU A 165 -16.20 18.59 -13.90
N SER A 166 -14.89 18.42 -13.68
CA SER A 166 -13.91 18.95 -14.63
C SER A 166 -13.29 17.82 -15.43
N VAL A 167 -12.23 17.21 -14.92
CA VAL A 167 -11.54 16.15 -15.63
C VAL A 167 -11.37 14.91 -14.74
N PRO A 168 -11.23 13.73 -15.35
CA PRO A 168 -10.99 12.53 -14.55
C PRO A 168 -9.75 12.64 -13.68
N CYS A 169 -9.82 11.99 -12.52
CA CYS A 169 -8.67 11.83 -11.64
C CYS A 169 -7.47 11.36 -12.45
N MET A 170 -6.30 11.92 -12.17
CA MET A 170 -5.10 11.50 -12.88
C MET A 170 -4.74 10.07 -12.48
N SER A 171 -4.11 9.35 -13.40
CA SER A 171 -3.62 8.01 -13.12
C SER A 171 -2.43 7.69 -13.99
N SER A 172 -1.63 6.71 -13.57
CA SER A 172 -0.49 6.27 -14.35
C SER A 172 -0.68 4.81 -14.76
N LYS A 173 0.01 4.43 -15.84
CA LYS A 173 0.03 3.04 -16.28
C LYS A 173 0.51 2.16 -15.13
N PRO A 174 -0.23 1.08 -14.85
CA PRO A 174 0.09 0.22 -13.72
C PRO A 174 1.42 -0.50 -13.90
N GLN A 175 1.97 -1.04 -12.83
CA GLN A 175 3.19 -1.83 -12.93
C GLN A 175 2.93 -3.06 -13.78
N LYS A 176 3.84 -3.34 -14.70
CA LYS A 176 3.80 -4.58 -15.47
C LYS A 176 3.95 -5.77 -14.52
N PRO A 177 3.17 -6.83 -14.75
CA PRO A 177 3.28 -8.01 -13.87
C PRO A 177 4.65 -8.67 -13.96
N TRP A 178 5.04 -9.36 -12.91
CA TRP A 178 6.32 -10.06 -12.90
C TRP A 178 6.28 -11.20 -13.91
N GLU A 179 7.43 -11.50 -14.52
CA GLU A 179 7.56 -12.61 -15.46
C GLU A 179 6.87 -13.86 -14.94
N LYS A 180 6.16 -14.55 -15.83
CA LYS A 180 5.46 -15.79 -15.48
C LYS A 180 6.47 -16.87 -15.06
N ASP A 181 6.11 -17.70 -14.10
CA ASP A 181 6.96 -18.80 -13.64
C ASP A 181 8.40 -18.38 -13.35
N ALA A 182 8.58 -17.27 -12.65
CA ALA A 182 9.93 -16.79 -12.34
C ALA A 182 10.03 -16.46 -10.86
N TRP A 183 9.72 -17.44 -10.03
CA TRP A 183 9.72 -17.26 -8.58
C TRP A 183 11.13 -17.48 -8.00
N GLU A 184 11.68 -18.68 -8.21
CA GLU A 184 13.07 -18.92 -7.87
C GLU A 184 13.95 -18.68 -9.09
N ILE A 185 14.75 -17.61 -9.04
CA ILE A 185 15.51 -17.18 -10.20
C ILE A 185 17.01 -17.37 -10.03
N PRO A 186 17.74 -17.51 -11.15
CA PRO A 186 19.19 -17.63 -11.06
C PRO A 186 19.84 -16.33 -10.62
N ARG A 187 20.93 -16.41 -9.87
CA ARG A 187 21.59 -15.22 -9.38
C ARG A 187 22.11 -14.36 -10.52
N GLU A 188 22.48 -14.99 -11.62
CA GLU A 188 23.07 -14.29 -12.75
C GLU A 188 22.07 -13.43 -13.50
N SER A 189 20.78 -13.60 -13.21
CA SER A 189 19.74 -12.80 -13.85
C SER A 189 19.69 -11.38 -13.29
N LEU A 190 20.45 -11.15 -12.23
CA LEU A 190 20.42 -9.86 -11.53
C LEU A 190 21.74 -9.12 -11.64
N LYS A 191 21.69 -7.87 -12.08
CA LYS A 191 22.86 -7.01 -12.02
C LYS A 191 22.67 -5.97 -10.92
N LEU A 192 23.47 -6.08 -9.87
CA LEU A 192 23.42 -5.14 -8.76
C LEU A 192 24.06 -3.84 -9.19
N GLU A 193 23.30 -2.76 -9.16
CA GLU A 193 23.76 -1.49 -9.74
C GLU A 193 24.18 -0.45 -8.72
N LYS A 194 23.38 -0.29 -7.67
CA LYS A 194 23.68 0.71 -6.65
C LYS A 194 23.29 0.21 -5.28
N LYS A 195 24.21 0.28 -4.32
CA LYS A 195 23.93 -0.10 -2.95
C LYS A 195 23.10 0.97 -2.25
N LEU A 196 21.94 0.58 -1.74
CA LEU A 196 21.00 1.53 -1.15
C LEU A 196 21.14 1.58 0.36
N GLY A 197 21.54 0.48 0.95
CA GLY A 197 21.61 0.39 2.40
C GLY A 197 22.41 -0.79 2.89
N ALA A 198 22.94 -0.67 4.11
CA ALA A 198 23.68 -1.75 4.74
C ALA A 198 23.04 -2.03 6.07
N GLY A 199 23.16 -3.25 6.56
CA GLY A 199 22.53 -3.61 7.83
C GLY A 199 23.29 -4.70 8.54
N GLN A 200 22.80 -5.05 9.73
CA GLN A 200 23.42 -6.12 10.52
C GLN A 200 23.45 -7.44 9.75
N PHE A 201 22.35 -7.79 9.09
CA PHE A 201 22.27 -9.15 8.52
C PHE A 201 22.13 -9.18 7.00
N GLY A 202 22.30 -8.03 6.36
CA GLY A 202 22.25 -7.99 4.90
C GLY A 202 22.35 -6.57 4.38
N GLU A 203 22.40 -6.45 3.05
CA GLU A 203 22.41 -5.14 2.37
C GLU A 203 21.19 -5.02 1.46
N VAL A 204 20.94 -3.82 0.91
CA VAL A 204 19.90 -3.66 -0.10
C VAL A 204 20.47 -2.93 -1.29
N TRP A 205 20.16 -3.45 -2.47
CA TRP A 205 20.68 -2.96 -3.75
C TRP A 205 19.56 -2.57 -4.67
N MET A 206 19.80 -1.55 -5.51
CA MET A 206 18.99 -1.37 -6.68
C MET A 206 19.63 -2.22 -7.78
N ALA A 207 18.81 -2.95 -8.52
CA ALA A 207 19.31 -3.89 -9.53
C ALA A 207 18.42 -3.91 -10.77
N THR A 208 18.93 -4.53 -11.84
CA THR A 208 18.13 -4.79 -13.03
C THR A 208 18.01 -6.28 -13.25
N TYR A 209 16.77 -6.73 -13.46
CA TYR A 209 16.49 -8.13 -13.70
C TYR A 209 16.42 -8.39 -15.20
N ASN A 210 17.27 -9.30 -15.67
CA ASN A 210 17.36 -9.66 -17.09
C ASN A 210 17.37 -8.45 -18.03
N LYS A 211 18.12 -7.43 -17.63
CA LYS A 211 18.32 -6.19 -18.40
C LYS A 211 17.05 -5.41 -18.75
N HIS A 212 15.90 -5.77 -18.18
CA HIS A 212 14.66 -5.10 -18.58
C HIS A 212 13.75 -4.61 -17.44
N THR A 213 14.08 -4.88 -16.20
CA THR A 213 13.18 -4.50 -15.09
C THR A 213 13.94 -4.01 -13.87
N LYS A 214 13.60 -2.81 -13.41
CA LYS A 214 14.22 -2.25 -12.19
C LYS A 214 13.60 -2.88 -10.96
N VAL A 215 14.45 -3.36 -10.05
CA VAL A 215 14.01 -3.97 -8.80
C VAL A 215 14.89 -3.57 -7.63
N ALA A 216 14.45 -3.92 -6.43
CA ALA A 216 15.35 -3.90 -5.29
C ALA A 216 15.68 -5.33 -4.89
N VAL A 217 16.89 -5.52 -4.40
CA VAL A 217 17.36 -6.82 -3.95
C VAL A 217 17.92 -6.72 -2.54
N LYS A 218 17.31 -7.45 -1.60
CA LYS A 218 17.92 -7.58 -0.29
C LYS A 218 18.86 -8.79 -0.31
N THR A 219 20.13 -8.54 0.00
CA THR A 219 21.17 -9.57 -0.08
C THR A 219 21.56 -9.99 1.33
N MET A 220 21.12 -11.18 1.75
CA MET A 220 21.36 -11.62 3.13
C MET A 220 22.78 -12.15 3.33
N LYS A 221 23.38 -11.83 4.47
CA LYS A 221 24.75 -12.25 4.78
C LYS A 221 24.85 -13.77 4.88
N PRO A 222 25.99 -14.33 4.44
CA PRO A 222 26.18 -15.76 4.63
C PRO A 222 26.04 -16.15 6.09
N GLY A 223 25.40 -17.29 6.34
CA GLY A 223 25.21 -17.75 7.69
C GLY A 223 23.93 -17.22 8.34
N SER A 224 23.22 -16.34 7.65
CA SER A 224 22.10 -15.68 8.31
C SER A 224 20.80 -16.47 8.16
N MET A 225 20.65 -17.25 7.09
CA MET A 225 19.41 -17.98 6.87
C MET A 225 19.63 -19.30 6.17
N SER A 226 18.73 -20.25 6.44
CA SER A 226 18.70 -21.54 5.77
C SER A 226 17.78 -21.49 4.55
N VAL A 227 18.17 -22.16 3.46
CA VAL A 227 17.35 -22.13 2.25
C VAL A 227 15.97 -22.75 2.45
N GLU A 228 15.89 -23.95 3.03
CA GLU A 228 14.58 -24.59 3.20
C GLU A 228 13.67 -23.84 4.16
N ALA A 229 14.23 -23.35 5.27
CA ALA A 229 13.42 -22.61 6.23
C ALA A 229 12.96 -21.28 5.63
N PHE A 230 13.87 -20.58 4.96
CA PHE A 230 13.51 -19.32 4.35
C PHE A 230 12.42 -19.52 3.29
N LEU A 231 12.62 -20.51 2.43
CA LEU A 231 11.70 -20.72 1.32
C LEU A 231 10.29 -21.06 1.80
N ALA A 232 10.18 -21.87 2.84
CA ALA A 232 8.88 -22.20 3.41
C ALA A 232 8.14 -20.92 3.83
N GLU A 233 8.86 -20.00 4.48
CA GLU A 233 8.25 -18.75 4.91
C GLU A 233 8.02 -17.80 3.73
N ALA A 234 8.97 -17.73 2.81
CA ALA A 234 8.82 -16.83 1.66
C ALA A 234 7.62 -17.24 0.82
N ASN A 235 7.33 -18.54 0.78
CA ASN A 235 6.15 -18.98 0.02
C ASN A 235 4.84 -18.52 0.66
N VAL A 236 4.86 -18.21 1.96
CA VAL A 236 3.72 -17.54 2.59
C VAL A 236 3.75 -16.03 2.34
N MET A 237 4.93 -15.43 2.52
CA MET A 237 5.09 -13.98 2.35
C MET A 237 4.57 -13.53 0.99
N LYS A 238 4.87 -14.30 -0.05
CA LYS A 238 4.53 -13.86 -1.41
C LYS A 238 3.02 -13.78 -1.63
N THR A 239 2.26 -14.50 -0.80
CA THR A 239 0.80 -14.50 -0.92
C THR A 239 0.14 -13.33 -0.20
N LEU A 240 0.94 -12.58 0.56
CA LEU A 240 0.42 -11.46 1.32
C LEU A 240 0.39 -10.21 0.44
N GLN A 241 -0.55 -10.20 -0.49
CA GLN A 241 -0.61 -9.14 -1.49
C GLN A 241 -1.65 -8.09 -1.14
N HIS A 242 -1.18 -6.85 -1.02
CA HIS A 242 -2.00 -5.74 -0.56
C HIS A 242 -1.26 -4.47 -0.95
N ASP A 243 -2.01 -3.40 -1.24
CA ASP A 243 -1.38 -2.18 -1.74
C ASP A 243 -0.42 -1.56 -0.73
N LYS A 244 -0.59 -1.88 0.55
CA LYS A 244 0.26 -1.26 1.57
C LYS A 244 1.32 -2.23 2.12
N LEU A 245 1.54 -3.33 1.40
CA LEU A 245 2.68 -4.21 1.65
C LEU A 245 3.59 -4.22 0.41
N VAL A 246 4.90 -4.19 0.61
CA VAL A 246 5.82 -4.26 -0.52
C VAL A 246 5.66 -5.63 -1.17
N LYS A 247 5.65 -5.63 -2.51
CA LYS A 247 5.46 -6.86 -3.26
C LYS A 247 6.77 -7.65 -3.40
N LEU A 248 6.73 -8.94 -3.05
CA LEU A 248 7.83 -9.86 -3.32
C LEU A 248 7.70 -10.43 -4.73
N HIS A 249 8.73 -10.24 -5.54
CA HIS A 249 8.72 -10.76 -6.91
C HIS A 249 9.36 -12.13 -7.04
N ALA A 250 10.50 -12.31 -6.38
CA ALA A 250 11.33 -13.48 -6.60
C ALA A 250 12.36 -13.66 -5.51
N VAL A 251 13.02 -14.82 -5.55
CA VAL A 251 14.06 -15.16 -4.59
C VAL A 251 15.18 -15.93 -5.27
N VAL A 252 16.40 -15.77 -4.77
CA VAL A 252 17.50 -16.67 -5.14
C VAL A 252 17.69 -17.62 -3.99
N THR A 253 17.36 -18.90 -4.21
CA THR A 253 17.33 -19.88 -3.13
C THR A 253 18.64 -20.67 -3.03
N LYS A 254 19.74 -19.92 -2.98
CA LYS A 254 21.07 -20.46 -2.70
C LYS A 254 21.80 -19.44 -1.86
N GLU A 255 22.55 -19.89 -0.86
CA GLU A 255 23.29 -18.97 0.00
C GLU A 255 24.42 -18.31 -0.78
N PRO A 256 24.54 -16.97 -0.70
CA PRO A 256 23.72 -16.02 0.07
C PRO A 256 22.35 -15.75 -0.55
N ILE A 257 21.32 -15.88 0.27
CA ILE A 257 19.95 -15.72 -0.22
C ILE A 257 19.65 -14.27 -0.60
N TYR A 258 19.06 -14.10 -1.77
CA TYR A 258 18.58 -12.79 -2.24
C TYR A 258 17.05 -12.73 -2.25
N ILE A 259 16.49 -11.59 -1.87
CA ILE A 259 15.06 -11.37 -1.91
C ILE A 259 14.78 -10.21 -2.84
N ILE A 260 13.99 -10.44 -3.88
CA ILE A 260 13.76 -9.44 -4.92
C ILE A 260 12.35 -8.86 -4.80
N THR A 261 12.28 -7.53 -4.66
CA THR A 261 11.02 -6.83 -4.46
C THR A 261 10.88 -5.64 -5.40
N GLU A 262 9.71 -5.03 -5.38
CA GLU A 262 9.56 -3.77 -6.10
C GLU A 262 10.50 -2.72 -5.48
N PHE A 263 11.00 -1.83 -6.32
CA PHE A 263 11.88 -0.75 -5.88
C PHE A 263 11.06 0.44 -5.38
N MET A 264 11.44 0.97 -4.21
CA MET A 264 10.72 2.10 -3.61
C MET A 264 11.62 3.34 -3.59
N ALA A 265 11.21 4.39 -4.31
CA ALA A 265 12.11 5.49 -4.64
C ALA A 265 12.59 6.33 -3.47
N LYS A 266 11.82 6.38 -2.39
CA LYS A 266 12.15 7.28 -1.29
C LYS A 266 12.67 6.55 -0.05
N GLY A 267 12.96 5.26 -0.20
CA GLY A 267 13.64 4.51 0.86
C GLY A 267 12.73 4.21 2.02
N SER A 268 13.28 4.14 3.24
CA SER A 268 12.42 3.85 4.36
C SER A 268 11.69 5.11 4.81
N LEU A 269 10.60 4.93 5.55
CA LEU A 269 9.88 6.06 6.13
C LEU A 269 10.78 6.81 7.11
N LEU A 270 11.66 6.08 7.81
CA LEU A 270 12.62 6.75 8.70
C LEU A 270 13.52 7.68 7.89
N ASP A 271 14.11 7.14 6.80
CA ASP A 271 14.92 7.97 5.89
C ASP A 271 14.15 9.19 5.42
N PHE A 272 12.91 8.96 5.02
CA PHE A 272 12.11 10.01 4.41
C PHE A 272 11.80 11.12 5.41
N LEU A 273 11.41 10.73 6.62
CA LEU A 273 11.07 11.72 7.67
C LEU A 273 12.28 12.56 8.07
N LYS A 274 13.47 12.00 7.86
CA LYS A 274 14.71 12.69 8.18
C LYS A 274 15.33 13.39 6.98
N SER A 275 14.62 13.43 5.86
CA SER A 275 15.11 14.09 4.65
C SER A 275 14.58 15.51 4.52
N ASP A 276 15.15 16.29 3.61
CA ASP A 276 14.66 17.66 3.41
C ASP A 276 13.16 17.66 3.02
N GLU A 277 12.77 16.77 2.11
CA GLU A 277 11.38 16.74 1.66
C GLU A 277 10.43 16.20 2.74
N GLY A 278 10.83 15.11 3.40
CA GLY A 278 9.95 14.45 4.34
C GLY A 278 9.76 15.20 5.65
N SER A 279 10.78 15.93 6.06
CA SER A 279 10.69 16.70 7.30
C SER A 279 9.65 17.83 7.17
N LYS A 280 9.20 18.09 5.95
CA LYS A 280 8.27 19.18 5.71
C LYS A 280 6.83 18.72 5.51
N GLN A 281 6.57 17.41 5.64
CA GLN A 281 5.20 16.92 5.50
C GLN A 281 4.35 17.48 6.62
N PRO A 282 3.15 17.99 6.30
CA PRO A 282 2.28 18.51 7.35
C PRO A 282 1.62 17.40 8.17
N LEU A 283 1.14 17.77 9.35
CA LEU A 283 0.55 16.79 10.26
C LEU A 283 -0.55 15.92 9.63
N PRO A 284 -1.46 16.49 8.81
CA PRO A 284 -2.47 15.58 8.25
C PRO A 284 -1.87 14.52 7.31
N LYS A 285 -0.74 14.81 6.68
CA LYS A 285 -0.06 13.84 5.84
C LYS A 285 0.58 12.76 6.72
N LEU A 286 1.13 13.18 7.84
CA LEU A 286 1.70 12.22 8.79
C LEU A 286 0.62 11.25 9.28
N ILE A 287 -0.56 11.80 9.54
CA ILE A 287 -1.68 10.96 9.97
C ILE A 287 -2.11 10.04 8.84
N ASP A 288 -2.07 10.52 7.60
CA ASP A 288 -2.38 9.65 6.47
C ASP A 288 -1.36 8.50 6.32
N PHE A 289 -0.07 8.81 6.49
CA PHE A 289 0.95 7.76 6.52
C PHE A 289 0.59 6.70 7.55
N SER A 290 0.23 7.16 8.74
CA SER A 290 -0.11 6.27 9.86
C SER A 290 -1.29 5.39 9.49
N ALA A 291 -2.27 5.99 8.81
CA ALA A 291 -3.44 5.23 8.34
C ALA A 291 -3.08 4.19 7.30
N GLN A 292 -2.20 4.54 6.35
CA GLN A 292 -1.78 3.59 5.31
C GLN A 292 -1.11 2.38 5.93
N ILE A 293 -0.25 2.63 6.91
CA ILE A 293 0.42 1.52 7.62
C ILE A 293 -0.59 0.68 8.40
N ALA A 294 -1.53 1.34 9.08
CA ALA A 294 -2.55 0.60 9.81
C ALA A 294 -3.39 -0.28 8.87
N GLU A 295 -3.65 0.20 7.66
CA GLU A 295 -4.39 -0.59 6.67
C GLU A 295 -3.63 -1.85 6.26
N GLY A 296 -2.33 -1.72 6.06
CA GLY A 296 -1.50 -2.87 5.76
C GLY A 296 -1.44 -3.83 6.95
N MET A 297 -1.35 -3.29 8.17
CA MET A 297 -1.30 -4.17 9.36
C MET A 297 -2.65 -4.83 9.63
N ALA A 298 -3.74 -4.15 9.28
CA ALA A 298 -5.06 -4.79 9.40
C ALA A 298 -5.17 -5.98 8.45
N PHE A 299 -4.57 -5.86 7.27
CA PHE A 299 -4.51 -6.97 6.31
C PHE A 299 -3.68 -8.11 6.91
N ILE A 300 -2.50 -7.81 7.42
CA ILE A 300 -1.68 -8.84 8.07
C ILE A 300 -2.43 -9.52 9.23
N GLU A 301 -3.15 -8.74 10.02
CA GLU A 301 -4.02 -9.26 11.08
C GLU A 301 -5.12 -10.19 10.53
N GLN A 302 -5.80 -9.74 9.48
CA GLN A 302 -6.85 -10.55 8.85
C GLN A 302 -6.31 -11.90 8.36
N ARG A 303 -5.06 -11.90 7.92
CA ARG A 303 -4.42 -13.09 7.37
C ARG A 303 -3.72 -13.97 8.43
N ASN A 304 -3.92 -13.64 9.69
CA ASN A 304 -3.35 -14.35 10.83
C ASN A 304 -1.84 -14.48 10.70
N TYR A 305 -1.21 -13.37 10.33
CA TYR A 305 0.24 -13.34 10.18
C TYR A 305 0.79 -12.40 11.27
N ILE A 306 2.11 -12.41 11.45
CA ILE A 306 2.77 -11.56 12.46
C ILE A 306 3.98 -10.90 11.81
N HIS A 307 4.12 -9.59 11.99
CA HIS A 307 5.21 -8.87 11.36
C HIS A 307 6.53 -9.17 12.07
N ARG A 308 6.53 -8.94 13.38
CA ARG A 308 7.62 -9.24 14.33
C ARG A 308 8.69 -8.13 14.47
N ASP A 309 8.70 -7.15 13.56
CA ASP A 309 9.72 -6.09 13.63
C ASP A 309 9.21 -4.81 12.99
N LEU A 310 8.05 -4.38 13.47
CA LEU A 310 7.41 -3.20 12.93
C LEU A 310 8.07 -1.94 13.52
N ARG A 311 8.55 -1.07 12.63
CA ARG A 311 9.20 0.18 13.03
C ARG A 311 9.35 1.03 11.77
N ALA A 312 9.66 2.32 11.92
CA ALA A 312 9.72 3.17 10.73
C ALA A 312 10.80 2.77 9.71
N ALA A 313 11.89 2.16 10.18
CA ALA A 313 12.93 1.68 9.28
C ALA A 313 12.45 0.55 8.39
N ASN A 314 11.32 -0.08 8.75
CA ASN A 314 10.77 -1.20 7.97
C ASN A 314 9.51 -0.85 7.23
N ILE A 315 9.25 0.46 7.07
CA ILE A 315 8.22 0.96 6.18
C ILE A 315 8.95 1.61 5.02
N LEU A 316 8.54 1.30 3.80
CA LEU A 316 9.12 1.95 2.61
C LEU A 316 8.16 3.00 2.05
N VAL A 317 8.72 3.98 1.34
CA VAL A 317 7.94 5.07 0.78
C VAL A 317 8.16 5.15 -0.74
N SER A 318 7.07 5.17 -1.51
CA SER A 318 7.18 5.20 -2.97
C SER A 318 7.38 6.61 -3.47
N ALA A 319 7.65 6.74 -4.76
CA ALA A 319 7.81 8.07 -5.36
C ALA A 319 6.55 8.93 -5.18
N SER A 320 5.39 8.29 -5.12
CA SER A 320 4.14 9.04 -4.94
C SER A 320 3.67 9.07 -3.49
N LEU A 321 4.59 8.77 -2.58
CA LEU A 321 4.35 8.84 -1.14
C LEU A 321 3.32 7.82 -0.63
N VAL A 322 3.34 6.61 -1.20
CA VAL A 322 2.57 5.51 -0.64
C VAL A 322 3.48 4.73 0.29
N CYS A 323 2.97 4.44 1.50
CA CYS A 323 3.71 3.65 2.47
C CYS A 323 3.47 2.16 2.26
N LYS A 324 4.55 1.37 2.30
CA LYS A 324 4.44 -0.05 2.12
C LYS A 324 5.27 -0.77 3.16
N ILE A 325 4.61 -1.67 3.88
CA ILE A 325 5.25 -2.46 4.92
C ILE A 325 6.25 -3.46 4.33
N ALA A 326 7.45 -3.47 4.86
CA ALA A 326 8.50 -4.39 4.42
C ALA A 326 8.97 -5.29 5.56
N ASP A 327 9.73 -6.33 5.22
CA ASP A 327 10.34 -7.25 6.19
C ASP A 327 9.32 -8.00 7.05
N PHE A 328 8.07 -8.10 6.59
CA PHE A 328 7.04 -8.77 7.36
C PHE A 328 7.40 -10.24 7.47
N GLY A 329 7.55 -10.71 8.70
CA GLY A 329 7.86 -12.10 8.97
C GLY A 329 9.32 -12.48 8.88
N LEU A 330 10.19 -11.57 8.41
CA LEU A 330 11.56 -11.95 8.09
C LEU A 330 12.36 -12.33 9.34
N ALA A 331 12.09 -11.67 10.47
CA ALA A 331 12.85 -11.94 11.67
C ALA A 331 12.75 -13.40 12.09
N ARG A 332 11.63 -14.04 11.76
CA ARG A 332 11.39 -15.44 12.11
C ARG A 332 12.43 -16.38 11.49
N VAL A 333 12.94 -16.03 10.32
CA VAL A 333 13.86 -16.95 9.63
C VAL A 333 15.31 -16.47 9.58
N ILE A 334 15.64 -15.44 10.35
CA ILE A 334 17.05 -15.10 10.59
C ILE A 334 17.55 -15.97 11.72
N GLU A 335 18.61 -16.75 11.45
CA GLU A 335 19.09 -17.72 12.44
C GLU A 335 19.93 -17.09 13.54
N ASP A 336 19.92 -17.71 14.72
CA ASP A 336 20.78 -17.32 15.83
C ASP A 336 21.94 -18.31 15.93
N ASN A 337 23.13 -17.90 15.51
CA ASN A 337 24.29 -18.77 15.50
C ASN A 337 25.55 -17.93 15.64
N GLU A 338 26.73 -18.55 15.48
CA GLU A 338 27.97 -17.81 15.67
C GLU A 338 28.12 -16.69 14.64
N TYR A 339 27.59 -16.90 13.45
CA TYR A 339 27.72 -15.89 12.39
C TYR A 339 26.88 -14.65 12.65
N THR A 340 25.64 -14.81 13.07
CA THR A 340 24.79 -13.64 13.26
C THR A 340 25.07 -12.95 14.60
N ALA A 341 25.57 -13.72 15.57
CA ALA A 341 25.82 -13.17 16.91
C ALA A 341 26.82 -12.02 16.87
N ARG A 342 27.82 -12.15 16.01
CA ARG A 342 28.88 -11.16 15.94
C ARG A 342 28.43 -9.83 15.33
N GLU A 343 27.18 -9.75 14.88
CA GLU A 343 26.63 -8.48 14.39
C GLU A 343 25.81 -7.69 15.42
N GLY A 344 25.60 -8.23 16.63
CA GLY A 344 24.85 -7.51 17.64
C GLY A 344 23.38 -7.85 17.83
N ALA A 345 22.64 -6.93 18.45
CA ALA A 345 21.25 -7.14 18.86
C ALA A 345 20.30 -7.56 17.73
N LYS A 346 19.44 -8.55 18.01
CA LYS A 346 18.53 -9.05 16.98
C LYS A 346 17.28 -8.19 16.85
N PHE A 347 16.75 -7.71 17.98
CA PHE A 347 15.61 -6.79 17.92
C PHE A 347 15.79 -5.65 18.90
N PRO A 348 15.18 -4.49 18.61
CA PRO A 348 15.39 -3.39 19.53
C PRO A 348 14.41 -3.37 20.71
N ILE A 349 14.97 -3.34 21.92
CA ILE A 349 14.18 -3.28 23.14
C ILE A 349 13.14 -2.15 23.09
N LYS A 350 13.52 -0.99 22.57
CA LYS A 350 12.62 0.16 22.67
C LYS A 350 11.36 0.05 21.80
N TRP A 351 11.37 -0.85 20.82
CA TRP A 351 10.18 -1.04 19.97
C TRP A 351 9.36 -2.24 20.35
N THR A 352 9.85 -3.04 21.29
CA THR A 352 9.29 -4.39 21.46
C THR A 352 8.40 -4.49 22.71
N ALA A 353 7.29 -5.20 22.58
CA ALA A 353 6.36 -5.37 23.68
C ALA A 353 6.99 -6.10 24.83
N PRO A 354 6.59 -5.77 26.08
CA PRO A 354 7.21 -6.42 27.23
C PRO A 354 7.09 -7.94 27.24
N GLU A 355 5.97 -8.50 26.79
CA GLU A 355 5.83 -9.95 26.83
C GLU A 355 6.69 -10.62 25.75
N ALA A 356 7.02 -9.90 24.67
CA ALA A 356 7.92 -10.47 23.67
C ALA A 356 9.34 -10.49 24.21
N ILE A 357 9.74 -9.41 24.87
CA ILE A 357 11.07 -9.37 25.49
C ILE A 357 11.22 -10.45 26.55
N ASN A 358 10.24 -10.53 27.44
CA ASN A 358 10.38 -11.35 28.64
C ASN A 358 10.15 -12.83 28.41
N PHE A 359 9.26 -13.18 27.47
CA PHE A 359 8.82 -14.57 27.30
C PHE A 359 8.86 -15.04 25.85
N GLY A 360 9.32 -14.20 24.93
CA GLY A 360 9.39 -14.58 23.53
C GLY A 360 8.02 -14.72 22.90
N SER A 361 7.02 -14.05 23.48
CA SER A 361 5.64 -14.12 22.97
C SER A 361 5.40 -13.05 21.91
N PHE A 362 5.69 -13.40 20.66
CA PHE A 362 5.43 -12.52 19.51
C PHE A 362 4.07 -12.86 18.92
N THR A 363 3.19 -11.87 18.84
CA THR A 363 1.83 -12.04 18.34
C THR A 363 1.43 -10.77 17.61
N ILE A 364 0.25 -10.79 16.99
CA ILE A 364 -0.26 -9.58 16.38
C ILE A 364 -0.39 -8.47 17.44
N LYS A 365 -0.60 -8.85 18.71
CA LYS A 365 -0.72 -7.83 19.76
C LYS A 365 0.63 -7.22 20.10
N SER A 366 1.72 -7.98 19.97
CA SER A 366 3.03 -7.32 20.18
C SER A 366 3.34 -6.42 18.99
N ASP A 367 2.83 -6.75 17.81
CA ASP A 367 2.91 -5.80 16.68
C ASP A 367 2.11 -4.51 16.97
N VAL A 368 0.98 -4.63 17.66
CA VAL A 368 0.18 -3.45 18.00
C VAL A 368 0.99 -2.51 18.91
N TRP A 369 1.69 -3.08 19.90
CA TRP A 369 2.60 -2.29 20.75
C TRP A 369 3.59 -1.53 19.87
N SER A 370 4.26 -2.27 18.98
CA SER A 370 5.26 -1.67 18.09
C SER A 370 4.68 -0.57 17.22
N PHE A 371 3.45 -0.77 16.74
CA PHE A 371 2.77 0.26 15.96
C PHE A 371 2.63 1.58 16.74
N GLY A 372 2.36 1.49 18.05
CA GLY A 372 2.28 2.68 18.87
C GLY A 372 3.61 3.40 18.90
N ILE A 373 4.69 2.64 19.03
CA ILE A 373 6.03 3.23 18.97
C ILE A 373 6.27 3.90 17.61
N LEU A 374 5.86 3.22 16.53
CA LEU A 374 5.96 3.77 15.18
C LEU A 374 5.19 5.11 15.03
N LEU A 375 3.99 5.19 15.60
CA LEU A 375 3.22 6.44 15.59
C LEU A 375 4.02 7.59 16.19
N MET A 376 4.70 7.30 17.30
CA MET A 376 5.54 8.32 17.92
C MET A 376 6.74 8.66 17.02
N GLU A 377 7.34 7.66 16.35
CA GLU A 377 8.41 7.96 15.40
C GLU A 377 7.89 8.89 14.31
N ILE A 378 6.68 8.64 13.84
CA ILE A 378 6.15 9.48 12.76
C ILE A 378 5.96 10.93 13.21
N VAL A 379 5.31 11.14 14.34
CA VAL A 379 4.94 12.49 14.71
C VAL A 379 6.16 13.31 15.21
N THR A 380 7.25 12.63 15.57
CA THR A 380 8.52 13.30 15.90
C THR A 380 9.51 13.34 14.74
N TYR A 381 9.05 12.95 13.54
CA TYR A 381 9.90 12.92 12.35
C TYR A 381 11.18 12.12 12.58
N GLY A 382 11.05 10.97 13.23
CA GLY A 382 12.15 10.02 13.29
C GLY A 382 13.02 10.06 14.53
N ARG A 383 12.56 10.71 15.60
CA ARG A 383 13.34 10.74 16.84
C ARG A 383 13.44 9.33 17.43
N ILE A 384 14.58 9.01 18.05
CA ILE A 384 14.71 7.73 18.80
C ILE A 384 13.61 7.66 19.86
N PRO A 385 13.00 6.49 20.03
CA PRO A 385 12.06 6.35 21.15
C PRO A 385 12.76 6.55 22.50
N TYR A 386 12.01 7.06 23.49
CA TYR A 386 12.51 7.24 24.86
C TYR A 386 13.82 8.01 24.92
N PRO A 387 13.81 9.25 24.42
CA PRO A 387 15.07 10.00 24.41
C PRO A 387 15.62 10.18 25.81
N GLY A 388 16.94 10.06 25.92
CA GLY A 388 17.63 10.22 27.19
C GLY A 388 17.57 9.00 28.10
N MET A 389 16.98 7.90 27.64
CA MET A 389 16.84 6.71 28.48
C MET A 389 17.61 5.51 27.96
N SER A 390 18.24 4.77 28.86
CA SER A 390 18.88 3.52 28.49
C SER A 390 17.86 2.40 28.33
N ASN A 391 18.25 1.27 27.76
CA ASN A 391 17.34 0.14 27.62
C ASN A 391 16.83 -0.41 28.98
N PRO A 392 17.72 -0.57 30.00
CA PRO A 392 17.19 -1.01 31.30
C PRO A 392 16.20 0.01 31.87
N GLU A 393 16.48 1.29 31.65
CA GLU A 393 15.61 2.33 32.18
C GLU A 393 14.24 2.27 31.54
N VAL A 394 14.19 2.02 30.24
CA VAL A 394 12.90 1.91 29.55
C VAL A 394 12.10 0.75 30.11
N ILE A 395 12.74 -0.43 30.23
CA ILE A 395 12.02 -1.60 30.72
C ILE A 395 11.45 -1.37 32.13
N ARG A 396 12.28 -0.85 33.03
CA ARG A 396 11.81 -0.63 34.40
C ARG A 396 10.75 0.47 34.51
N ALA A 397 10.87 1.51 33.69
CA ALA A 397 9.86 2.57 33.65
C ALA A 397 8.51 2.05 33.17
N LEU A 398 8.51 1.29 32.08
CA LEU A 398 7.28 0.71 31.55
C LEU A 398 6.58 -0.15 32.59
N GLU A 399 7.36 -0.90 33.37
CA GLU A 399 6.78 -1.78 34.40
C GLU A 399 5.98 -0.98 35.44
N ARG A 400 6.38 0.28 35.63
CA ARG A 400 5.75 1.15 36.62
C ARG A 400 4.75 2.13 36.00
N GLY A 401 4.33 1.87 34.78
CA GLY A 401 3.29 2.67 34.15
C GLY A 401 3.73 3.93 33.43
N TYR A 402 5.04 4.18 33.38
CA TYR A 402 5.56 5.23 32.52
C TYR A 402 5.27 4.90 31.08
N ARG A 403 4.88 5.93 30.31
CA ARG A 403 4.85 5.85 28.85
C ARG A 403 5.41 7.17 28.33
N MET A 404 5.98 7.16 27.12
CA MET A 404 6.44 8.42 26.53
C MET A 404 5.34 9.46 26.58
N PRO A 405 5.68 10.68 27.04
CA PRO A 405 4.66 11.73 27.06
C PRO A 405 4.29 12.22 25.67
N ARG A 406 3.13 12.88 25.57
CA ARG A 406 2.71 13.46 24.32
C ARG A 406 3.67 14.57 23.88
N PRO A 407 4.21 14.46 22.65
CA PRO A 407 5.15 15.50 22.22
C PRO A 407 4.42 16.71 21.67
N GLU A 408 5.16 17.74 21.31
CA GLU A 408 4.55 18.87 20.63
C GLU A 408 4.04 18.45 19.26
N ASN A 409 3.03 19.19 18.79
CA ASN A 409 2.46 18.99 17.46
C ASN A 409 1.97 17.56 17.28
N CYS A 410 1.29 17.07 18.31
CA CYS A 410 0.66 15.75 18.30
C CYS A 410 -0.79 15.86 18.75
N PRO A 411 -1.74 15.57 17.85
CA PRO A 411 -3.16 15.64 18.24
C PRO A 411 -3.43 14.71 19.41
N GLU A 412 -4.26 15.15 20.35
CA GLU A 412 -4.49 14.35 21.52
C GLU A 412 -5.08 12.99 21.17
N GLU A 413 -5.93 12.91 20.15
CA GLU A 413 -6.55 11.63 19.83
C GLU A 413 -5.54 10.64 19.25
N LEU A 414 -4.51 11.14 18.57
CA LEU A 414 -3.44 10.27 18.09
C LEU A 414 -2.66 9.71 19.28
N TYR A 415 -2.37 10.55 20.26
CA TYR A 415 -1.69 10.08 21.47
C TYR A 415 -2.54 9.05 22.22
N ASN A 416 -3.85 9.28 22.26
CA ASN A 416 -4.72 8.32 22.90
C ASN A 416 -4.64 6.93 22.22
N ILE A 417 -4.47 6.92 20.90
CA ILE A 417 -4.31 5.66 20.17
C ILE A 417 -2.99 5.00 20.60
N MET A 418 -1.92 5.77 20.67
CA MET A 418 -0.64 5.23 21.17
C MET A 418 -0.79 4.60 22.54
N MET A 419 -1.48 5.31 23.45
CA MET A 419 -1.59 4.79 24.81
C MET A 419 -2.37 3.47 24.86
N ARG A 420 -3.35 3.33 23.95
CA ARG A 420 -4.09 2.06 23.88
C ARG A 420 -3.20 0.94 23.36
N CYS A 421 -2.34 1.28 22.41
CA CYS A 421 -1.38 0.29 21.89
C CYS A 421 -0.41 -0.18 22.96
N TRP A 422 -0.14 0.68 23.94
CA TRP A 422 0.87 0.39 24.95
C TRP A 422 0.27 -0.12 26.25
N LYS A 423 -0.89 -0.76 26.19
CA LYS A 423 -1.37 -1.45 27.40
C LYS A 423 -0.41 -2.59 27.74
N ASN A 424 -0.11 -2.77 29.03
CA ASN A 424 0.86 -3.80 29.38
C ASN A 424 0.30 -5.21 29.12
N ARG A 425 -1.01 -5.37 29.30
CA ARG A 425 -1.67 -6.64 28.96
C ARG A 425 -2.09 -6.68 27.47
N PRO A 426 -1.56 -7.66 26.73
CA PRO A 426 -1.76 -7.73 25.27
C PRO A 426 -3.23 -7.77 24.88
N GLU A 427 -4.05 -8.47 25.66
CA GLU A 427 -5.45 -8.60 25.32
C GLU A 427 -6.23 -7.28 25.44
N GLU A 428 -5.65 -6.30 26.13
CA GLU A 428 -6.28 -5.00 26.30
C GLU A 428 -5.94 -4.02 25.17
N ARG A 429 -5.02 -4.41 24.29
CA ARG A 429 -4.66 -3.57 23.15
C ARG A 429 -5.70 -3.67 22.04
N PRO A 430 -5.85 -2.62 21.25
CA PRO A 430 -6.88 -2.65 20.20
C PRO A 430 -6.47 -3.54 19.04
N THR A 431 -7.42 -3.89 18.17
CA THR A 431 -7.09 -4.58 16.93
C THR A 431 -6.59 -3.57 15.89
N PHE A 432 -5.87 -4.04 14.89
CA PHE A 432 -5.56 -3.17 13.77
C PHE A 432 -6.81 -2.78 12.98
N GLU A 433 -7.83 -3.64 12.98
CA GLU A 433 -9.09 -3.24 12.34
C GLU A 433 -9.64 -1.97 13.00
N TYR A 434 -9.60 -1.93 14.32
CA TYR A 434 -10.03 -0.74 15.06
C TYR A 434 -9.14 0.46 14.73
N ILE A 435 -7.83 0.24 14.83
CA ILE A 435 -6.90 1.35 14.58
C ILE A 435 -7.07 1.94 13.17
N GLN A 436 -7.19 1.06 12.17
CA GLN A 436 -7.43 1.48 10.80
C GLN A 436 -8.66 2.37 10.70
N SER A 437 -9.71 2.02 11.45
CA SER A 437 -10.96 2.76 11.33
C SER A 437 -10.81 4.15 11.92
N VAL A 438 -10.18 4.25 13.08
CA VAL A 438 -10.02 5.54 13.73
C VAL A 438 -9.09 6.44 12.91
N LEU A 439 -8.01 5.90 12.34
CA LEU A 439 -7.06 6.73 11.59
C LEU A 439 -7.60 7.10 10.19
N ASP A 440 -8.32 6.19 9.56
CA ASP A 440 -8.94 6.50 8.26
C ASP A 440 -9.94 7.66 8.38
N ASP A 441 -10.62 7.71 9.51
CA ASP A 441 -11.68 8.70 9.72
C ASP A 441 -11.27 9.82 10.67
N PHE A 442 -9.96 10.05 10.80
CA PHE A 442 -9.44 10.90 11.85
C PHE A 442 -10.00 12.32 11.83
N TYR A 443 -10.12 12.89 10.64
CA TYR A 443 -10.56 14.26 10.47
C TYR A 443 -12.02 14.35 10.01
N THR A 444 -12.50 13.27 9.42
CA THR A 444 -13.83 13.25 8.81
C THR A 444 -14.87 12.60 9.73
N ALA A 445 -14.50 12.44 11.00
CA ALA A 445 -15.45 11.96 11.99
C ALA A 445 -16.54 13.01 12.20
N THR A 446 -17.68 12.57 12.71
CA THR A 446 -18.86 13.44 12.88
C THR A 446 -19.28 14.12 11.57
N GLU A 447 -18.99 13.47 10.46
CA GLU A 447 -19.39 13.95 9.14
C GLU A 447 -20.02 12.81 8.35
N SER A 448 -21.06 13.11 7.58
CA SER A 448 -21.79 12.07 6.87
C SER A 448 -20.91 11.38 5.83
N GLN A 449 -21.15 10.09 5.62
CA GLN A 449 -20.46 9.32 4.61
C GLN A 449 -20.63 9.95 3.24
N GLU A 451 -22.79 12.81 0.62
CA GLU A 451 -23.49 14.09 0.57
C GLU A 451 -24.96 13.87 0.25
N GLU A 452 -25.83 14.31 1.16
CA GLU A 452 -27.27 14.22 0.96
C GLU A 452 -27.76 15.30 0.02
N ILE A 453 -27.51 15.10 -1.27
CA ILE A 453 -27.89 16.04 -2.31
C ILE A 453 -29.41 16.11 -2.45
N PRO A 454 -29.96 17.30 -2.72
CA PRO A 454 -31.39 17.41 -3.03
C PRO A 454 -31.73 16.79 -4.39
#